data_7ETX
#
_entry.id   7ETX
#
_cell.length_a   90.681
_cell.length_b   90.681
_cell.length_c   141.785
_cell.angle_alpha   90.000
_cell.angle_beta   90.000
_cell.angle_gamma   90.000
#
_symmetry.space_group_name_H-M   'P 43 21 2'
#
loop_
_entity.id
_entity.type
_entity.pdbx_description
1 polymer 'Tryptophan biosynthesis protein TrpCF'
2 non-polymer GLYCEROL
3 water water
#
_entity_poly.entity_id   1
_entity_poly.type   'polypeptide(L)'
_entity_poly.pdbx_seq_one_letter_code
;MTSNNLPTVLESIVEGRRGHLEEIRARIAHVDVDALPKSTRSLFDSLNQGRGGARFIMECKSASPSLGMIREHYQPGEIA
RVYSRYASGISVLCEPDRFGGDYDHLATVAATSHLPVLCKDFIIDPVQVHAARYFGADAILLMLSVLDDEEYAALAAEAA
RFDLDILTEVIDEEEVARAIKLGAKIFGVNHRNLHDLSIDLDRSRRLSKLIPADAVLVSESGVRDTETVRQLGGHSNAFL
VGSQLTSQENVDLAARELVYGPNKVCGLTSPSAAQTARAAGAVYGGLIFEEASPRNVSRETLQKIIAAEPNLRYVAVSRR
TSGYKDLLVDGIFAVQIHAPLQDSVEAEKALIAAVREEVGPQVQVWRAISMSSPLGAEVAAAVEGDVDKLILDAHEGGSG
EVFDWATVPAAVKAKSLLAGGISPDNAAQALAVGCAGLDINSGVEYPAGAGTWAGAKDAGALLKIFATISTFHYLEHHHH
HH
;
_entity_poly.pdbx_strand_id   A
#
loop_
_chem_comp.id
_chem_comp.type
_chem_comp.name
_chem_comp.formula
GOL non-polymer GLYCEROL 'C3 H8 O3'
#
# COMPACT_ATOMS: atom_id res chain seq x y z
N ASN A 4 -32.65 -2.47 16.72
CA ASN A 4 -31.23 -2.49 17.15
C ASN A 4 -30.85 -1.06 17.60
N ASN A 5 -29.72 -0.93 18.30
CA ASN A 5 -29.18 0.37 18.79
C ASN A 5 -28.02 0.80 17.86
N LEU A 6 -28.33 0.96 16.56
CA LEU A 6 -27.34 1.24 15.48
C LEU A 6 -26.94 2.71 15.49
N PRO A 7 -25.69 3.06 15.15
CA PRO A 7 -25.35 4.45 14.89
C PRO A 7 -26.38 5.01 13.91
N THR A 8 -26.73 6.29 14.01
CA THR A 8 -27.79 6.94 13.18
C THR A 8 -27.47 6.73 11.69
N VAL A 9 -26.23 6.95 11.26
CA VAL A 9 -25.85 6.82 9.82
C VAL A 9 -26.17 5.38 9.35
N LEU A 10 -25.74 4.36 10.09
CA LEU A 10 -25.92 2.94 9.72
C LEU A 10 -27.43 2.64 9.68
N GLU A 11 -28.15 3.02 10.73
CA GLU A 11 -29.65 2.95 10.84
C GLU A 11 -30.28 3.30 9.49
N SER A 12 -30.06 4.53 8.99
CA SER A 12 -30.67 5.02 7.75
C SER A 12 -30.17 4.21 6.55
N ILE A 13 -28.95 3.65 6.60
CA ILE A 13 -28.39 2.91 5.43
C ILE A 13 -29.13 1.57 5.30
N VAL A 14 -29.36 0.81 6.39
CA VAL A 14 -30.04 -0.51 6.29
C VAL A 14 -31.52 -0.29 5.91
N GLU A 15 -32.16 0.77 6.41
CA GLU A 15 -33.59 1.03 6.12
C GLU A 15 -33.73 1.45 4.66
N GLY A 16 -32.80 2.27 4.15
CA GLY A 16 -32.68 2.55 2.71
C GLY A 16 -32.60 1.26 1.91
N ARG A 17 -31.72 0.35 2.32
CA ARG A 17 -31.46 -0.91 1.58
C ARG A 17 -32.71 -1.80 1.57
N ARG A 18 -33.41 -1.88 2.71
CA ARG A 18 -34.74 -2.55 2.83
C ARG A 18 -35.66 -2.11 1.70
N GLY A 19 -35.66 -0.81 1.42
CA GLY A 19 -36.55 -0.14 0.45
C GLY A 19 -36.11 -0.34 -0.98
N HIS A 20 -34.96 -0.96 -1.23
CA HIS A 20 -34.47 -1.30 -2.59
C HIS A 20 -34.82 -2.76 -2.93
N LEU A 21 -35.26 -3.56 -1.96
CA LEU A 21 -35.33 -5.04 -2.10
C LEU A 21 -36.30 -5.43 -3.21
N GLU A 22 -37.38 -4.66 -3.40
CA GLU A 22 -38.36 -4.98 -4.47
C GLU A 22 -37.68 -4.80 -5.83
N GLU A 23 -36.94 -3.69 -6.00
CA GLU A 23 -36.10 -3.41 -7.20
C GLU A 23 -35.20 -4.62 -7.50
N ILE A 24 -34.44 -5.06 -6.50
CA ILE A 24 -33.45 -6.18 -6.63
C ILE A 24 -34.21 -7.45 -7.05
N ARG A 25 -35.32 -7.76 -6.38
CA ARG A 25 -36.13 -8.98 -6.67
C ARG A 25 -36.60 -8.93 -8.13
N ALA A 26 -37.10 -7.78 -8.59
CA ALA A 26 -37.53 -7.58 -10.00
C ALA A 26 -36.31 -7.68 -10.92
N ARG A 27 -35.19 -7.08 -10.52
CA ARG A 27 -33.96 -7.05 -11.34
C ARG A 27 -33.46 -8.48 -11.62
N ILE A 28 -33.46 -9.42 -10.68
CA ILE A 28 -33.03 -10.84 -10.96
C ILE A 28 -34.21 -11.84 -11.04
N ALA A 29 -35.44 -11.38 -11.30
CA ALA A 29 -36.67 -12.23 -11.32
C ALA A 29 -36.48 -13.38 -12.30
N HIS A 30 -35.90 -13.07 -13.48
CA HIS A 30 -35.62 -14.00 -14.61
C HIS A 30 -34.51 -14.99 -14.27
N VAL A 31 -33.81 -14.82 -13.15
CA VAL A 31 -32.60 -15.66 -12.86
C VAL A 31 -33.07 -16.91 -12.12
N ASP A 32 -32.60 -18.06 -12.57
CA ASP A 32 -32.77 -19.38 -11.92
C ASP A 32 -31.77 -19.43 -10.77
N VAL A 33 -32.18 -18.93 -9.60
CA VAL A 33 -31.30 -18.89 -8.40
C VAL A 33 -30.72 -20.29 -8.19
N ASP A 34 -31.54 -21.32 -8.35
CA ASP A 34 -31.13 -22.69 -7.98
C ASP A 34 -29.90 -23.11 -8.80
N ALA A 35 -29.78 -22.65 -10.04
CA ALA A 35 -28.76 -23.14 -10.99
C ALA A 35 -27.57 -22.16 -11.04
N LEU A 36 -27.46 -21.20 -10.13
CA LEU A 36 -26.32 -20.24 -10.13
C LEU A 36 -25.04 -21.01 -9.86
N PRO A 37 -23.98 -20.75 -10.65
CA PRO A 37 -22.72 -21.47 -10.46
C PRO A 37 -22.15 -21.03 -9.12
N LYS A 38 -21.36 -21.90 -8.50
CA LYS A 38 -20.60 -21.58 -7.27
C LYS A 38 -19.39 -20.70 -7.62
N SER A 39 -18.95 -19.89 -6.66
CA SER A 39 -17.66 -19.18 -6.65
C SER A 39 -16.57 -20.22 -6.50
N THR A 40 -15.58 -20.11 -7.38
CA THR A 40 -14.39 -20.98 -7.47
C THR A 40 -13.17 -20.16 -7.04
N ARG A 41 -13.38 -19.03 -6.34
CA ARG A 41 -12.28 -18.21 -5.78
C ARG A 41 -12.46 -18.07 -4.27
N SER A 42 -11.55 -18.67 -3.47
CA SER A 42 -11.61 -18.67 -1.98
C SER A 42 -10.94 -17.39 -1.44
N LEU A 43 -11.72 -16.45 -0.91
CA LEU A 43 -11.14 -15.25 -0.24
C LEU A 43 -10.33 -15.70 0.98
N PHE A 44 -10.84 -16.71 1.69
CA PHE A 44 -10.15 -17.28 2.89
C PHE A 44 -8.70 -17.63 2.54
N ASP A 45 -8.50 -18.48 1.53
CA ASP A 45 -7.16 -18.99 1.17
C ASP A 45 -6.26 -17.84 0.69
N SER A 46 -6.75 -17.01 -0.22
CA SER A 46 -5.98 -15.85 -0.74
C SER A 46 -5.41 -15.05 0.44
N LEU A 47 -6.18 -14.91 1.52
CA LEU A 47 -5.85 -14.07 2.70
C LEU A 47 -4.92 -14.82 3.64
N ASN A 48 -5.07 -16.14 3.70
CA ASN A 48 -4.45 -17.02 4.72
C ASN A 48 -3.05 -17.48 4.29
N GLN A 49 -2.75 -17.42 2.98
CA GLN A 49 -1.43 -17.80 2.40
C GLN A 49 -0.65 -16.52 2.06
N GLY A 50 0.69 -16.57 2.18
CA GLY A 50 1.61 -15.49 1.76
C GLY A 50 1.59 -15.29 0.26
N ARG A 51 1.55 -16.37 -0.51
CA ARG A 51 1.56 -16.33 -1.98
C ARG A 51 0.22 -15.77 -2.47
N GLY A 52 0.18 -15.33 -3.74
CA GLY A 52 -1.07 -14.95 -4.44
C GLY A 52 -1.54 -13.53 -4.18
N GLY A 53 -0.74 -12.71 -3.51
CA GLY A 53 -0.92 -11.25 -3.40
C GLY A 53 -0.52 -10.76 -2.04
N ALA A 54 -0.27 -9.46 -1.94
CA ALA A 54 0.11 -8.79 -0.68
C ALA A 54 -1.11 -8.78 0.27
N ARG A 55 -0.85 -8.42 1.54
CA ARG A 55 -1.77 -8.49 2.71
C ARG A 55 -2.86 -7.39 2.67
N PHE A 56 -3.60 -7.28 1.56
CA PHE A 56 -4.58 -6.19 1.40
C PHE A 56 -5.80 -6.65 0.63
N ILE A 57 -6.97 -6.20 1.08
CA ILE A 57 -8.20 -6.16 0.25
C ILE A 57 -8.33 -4.73 -0.19
N MET A 58 -8.29 -4.48 -1.51
CA MET A 58 -8.31 -3.12 -2.06
C MET A 58 -9.71 -2.85 -2.60
N GLU A 59 -10.26 -1.70 -2.24
CA GLU A 59 -11.71 -1.41 -2.37
C GLU A 59 -12.01 -0.36 -3.45
N CYS A 60 -13.10 -0.57 -4.21
CA CYS A 60 -13.64 0.34 -5.24
C CYS A 60 -14.90 1.00 -4.68
N LYS A 61 -14.84 2.32 -4.46
CA LYS A 61 -15.93 3.16 -3.91
C LYS A 61 -16.03 4.46 -4.71
N SER A 62 -17.17 4.74 -5.34
CA SER A 62 -17.43 5.98 -6.13
C SER A 62 -17.46 7.20 -5.22
N ALA A 63 -18.30 7.22 -4.17
CA ALA A 63 -18.59 8.42 -3.33
C ALA A 63 -17.35 8.78 -2.50
N SER A 64 -16.62 9.84 -2.88
CA SER A 64 -15.38 10.27 -2.18
C SER A 64 -15.00 11.66 -2.65
N PRO A 65 -14.65 12.60 -1.74
CA PRO A 65 -14.17 13.91 -2.17
C PRO A 65 -13.01 13.79 -3.17
N SER A 66 -12.00 12.94 -2.90
CA SER A 66 -10.85 12.65 -3.80
C SER A 66 -10.19 13.97 -4.25
N LEU A 67 -9.85 14.87 -3.33
CA LEU A 67 -9.36 16.24 -3.71
C LEU A 67 -7.88 16.16 -4.14
N GLY A 68 -7.21 15.00 -3.99
CA GLY A 68 -5.87 14.75 -4.56
C GLY A 68 -5.82 14.72 -6.11
N MET A 69 -6.97 14.88 -6.79
CA MET A 69 -7.14 14.57 -8.24
C MET A 69 -8.52 15.05 -8.75
N ILE A 70 -8.69 15.14 -10.07
CA ILE A 70 -9.96 15.58 -10.72
C ILE A 70 -10.66 14.34 -11.27
N ARG A 71 -11.85 14.04 -10.73
CA ARG A 71 -12.62 12.80 -11.03
C ARG A 71 -13.71 13.14 -12.04
N GLU A 72 -13.61 12.59 -13.25
CA GLU A 72 -14.61 12.78 -14.35
C GLU A 72 -15.64 11.67 -14.24
N HIS A 73 -15.17 10.42 -14.22
CA HIS A 73 -16.02 9.19 -14.24
C HIS A 73 -15.43 8.10 -13.33
N TYR A 74 -16.27 7.41 -12.57
CA TYR A 74 -15.89 6.19 -11.81
C TYR A 74 -15.63 5.06 -12.81
N GLN A 75 -14.42 4.48 -12.75
CA GLN A 75 -13.97 3.35 -13.61
C GLN A 75 -13.50 2.18 -12.75
N PRO A 76 -14.43 1.37 -12.18
CA PRO A 76 -14.02 0.28 -11.30
C PRO A 76 -13.19 -0.80 -12.03
N GLY A 77 -13.31 -0.92 -13.36
CA GLY A 77 -12.43 -1.80 -14.16
C GLY A 77 -10.97 -1.35 -14.11
N GLU A 78 -10.73 -0.06 -14.34
CA GLU A 78 -9.37 0.54 -14.33
C GLU A 78 -8.77 0.42 -12.93
N ILE A 79 -9.55 0.68 -11.88
CA ILE A 79 -9.07 0.51 -10.48
C ILE A 79 -8.70 -0.96 -10.27
N ALA A 80 -9.61 -1.87 -10.62
CA ALA A 80 -9.43 -3.32 -10.40
C ALA A 80 -8.20 -3.82 -11.16
N ARG A 81 -7.99 -3.35 -12.40
CA ARG A 81 -6.80 -3.65 -13.21
C ARG A 81 -5.53 -3.32 -12.40
N VAL A 82 -5.48 -2.19 -11.68
CA VAL A 82 -4.27 -1.84 -10.91
C VAL A 82 -4.23 -2.73 -9.64
N TYR A 83 -5.35 -2.87 -8.93
CA TYR A 83 -5.40 -3.64 -7.66
C TYR A 83 -4.97 -5.09 -7.89
N SER A 84 -5.32 -5.66 -9.04
CA SER A 84 -5.07 -7.10 -9.34
C SER A 84 -3.58 -7.41 -9.23
N ARG A 85 -2.75 -6.39 -9.44
CA ARG A 85 -1.26 -6.44 -9.44
C ARG A 85 -0.73 -6.54 -8.01
N TYR A 86 -1.45 -6.09 -6.97
CA TYR A 86 -0.89 -5.96 -5.61
C TYR A 86 -1.68 -6.77 -4.57
N ALA A 87 -3.01 -6.86 -4.67
CA ALA A 87 -3.87 -7.24 -3.54
C ALA A 87 -4.14 -8.75 -3.53
N SER A 88 -4.79 -9.23 -2.47
CA SER A 88 -5.23 -10.63 -2.28
C SER A 88 -6.77 -10.71 -2.45
N GLY A 89 -7.45 -9.57 -2.45
CA GLY A 89 -8.88 -9.51 -2.79
C GLY A 89 -9.26 -8.11 -3.22
N ILE A 90 -10.38 -7.99 -3.93
CA ILE A 90 -10.99 -6.69 -4.31
C ILE A 90 -12.39 -6.61 -3.70
N SER A 91 -12.63 -5.49 -3.01
CA SER A 91 -13.94 -5.12 -2.43
C SER A 91 -14.62 -4.15 -3.39
N VAL A 92 -15.93 -4.30 -3.58
CA VAL A 92 -16.75 -3.42 -4.48
C VAL A 92 -18.02 -3.01 -3.75
N LEU A 93 -18.21 -1.72 -3.53
CA LEU A 93 -19.44 -1.19 -2.90
C LEU A 93 -20.59 -1.41 -3.88
N CYS A 94 -21.63 -2.14 -3.46
CA CYS A 94 -22.84 -2.40 -4.28
C CYS A 94 -24.00 -1.52 -3.75
N GLU A 95 -23.82 -0.81 -2.62
CA GLU A 95 -24.85 0.11 -2.04
C GLU A 95 -24.97 1.37 -2.90
N PRO A 96 -26.17 1.71 -3.43
CA PRO A 96 -26.33 2.81 -4.38
C PRO A 96 -26.53 4.24 -3.85
N ASP A 97 -27.23 4.41 -2.73
CA ASP A 97 -27.85 5.71 -2.36
C ASP A 97 -26.83 6.60 -1.64
N ARG A 98 -25.88 6.04 -0.91
CA ARG A 98 -24.83 6.89 -0.28
C ARG A 98 -23.41 6.48 -0.71
N PHE A 99 -23.16 5.29 -1.27
CA PHE A 99 -21.79 4.89 -1.73
C PHE A 99 -21.67 5.01 -3.25
N GLY A 100 -22.79 5.19 -3.96
CA GLY A 100 -22.78 5.39 -5.42
C GLY A 100 -22.53 4.07 -6.13
N GLY A 101 -22.69 2.93 -5.45
CA GLY A 101 -22.38 1.60 -5.98
C GLY A 101 -23.54 0.95 -6.74
N ASP A 102 -23.26 -0.13 -7.46
CA ASP A 102 -24.27 -0.92 -8.21
C ASP A 102 -23.69 -2.29 -8.53
N TYR A 103 -24.53 -3.25 -8.89
CA TYR A 103 -24.12 -4.64 -9.24
C TYR A 103 -23.31 -4.65 -10.56
N ASP A 104 -23.54 -3.70 -11.48
CA ASP A 104 -22.72 -3.56 -12.71
C ASP A 104 -21.24 -3.37 -12.33
N HIS A 105 -20.96 -2.62 -11.26
CA HIS A 105 -19.59 -2.38 -10.77
C HIS A 105 -18.97 -3.73 -10.36
N LEU A 106 -19.75 -4.55 -9.69
CA LEU A 106 -19.29 -5.88 -9.19
C LEU A 106 -18.96 -6.77 -10.39
N ALA A 107 -19.84 -6.78 -11.39
CA ALA A 107 -19.66 -7.62 -12.60
C ALA A 107 -18.42 -7.14 -13.36
N THR A 108 -18.22 -5.83 -13.47
CA THR A 108 -17.10 -5.21 -14.20
C THR A 108 -15.79 -5.69 -13.56
N VAL A 109 -15.75 -5.69 -12.24
CA VAL A 109 -14.53 -6.05 -11.47
C VAL A 109 -14.32 -7.57 -11.59
N ALA A 110 -15.38 -8.36 -11.54
CA ALA A 110 -15.27 -9.84 -11.58
C ALA A 110 -14.69 -10.25 -12.94
N ALA A 111 -15.12 -9.60 -14.02
CA ALA A 111 -14.69 -9.94 -15.40
C ALA A 111 -13.27 -9.43 -15.62
N THR A 112 -12.83 -8.41 -14.88
CA THR A 112 -11.52 -7.72 -15.03
C THR A 112 -10.40 -8.46 -14.29
N SER A 113 -10.61 -8.81 -13.03
CA SER A 113 -9.60 -9.31 -12.05
C SER A 113 -9.70 -10.84 -11.89
N HIS A 114 -8.57 -11.45 -11.58
CA HIS A 114 -8.41 -12.89 -11.26
C HIS A 114 -8.63 -13.11 -9.75
N LEU A 115 -8.74 -12.05 -8.97
CA LEU A 115 -8.79 -12.14 -7.48
C LEU A 115 -10.20 -12.47 -6.99
N PRO A 116 -10.36 -13.00 -5.76
CA PRO A 116 -11.68 -13.13 -5.14
C PRO A 116 -12.32 -11.74 -5.03
N VAL A 117 -13.59 -11.62 -5.40
CA VAL A 117 -14.33 -10.32 -5.38
C VAL A 117 -15.33 -10.32 -4.23
N LEU A 118 -15.21 -9.33 -3.34
CA LEU A 118 -16.12 -9.12 -2.18
C LEU A 118 -17.22 -8.13 -2.54
N CYS A 119 -18.51 -8.49 -2.41
CA CYS A 119 -19.64 -7.51 -2.41
C CYS A 119 -19.70 -6.86 -1.03
N LYS A 120 -19.29 -5.60 -0.98
CA LYS A 120 -19.39 -4.72 0.20
C LYS A 120 -20.77 -4.07 0.15
N ASP A 121 -21.67 -4.59 0.97
CA ASP A 121 -23.11 -4.22 1.00
C ASP A 121 -23.62 -4.41 2.43
N PHE A 122 -24.79 -3.84 2.69
CA PHE A 122 -25.54 -4.01 3.95
C PHE A 122 -26.58 -5.10 3.69
N ILE A 123 -26.23 -6.35 3.99
CA ILE A 123 -27.02 -7.54 3.54
C ILE A 123 -27.97 -7.99 4.66
N ILE A 124 -29.26 -7.93 4.35
CA ILE A 124 -30.39 -8.24 5.28
C ILE A 124 -31.33 -9.25 4.62
N ASP A 125 -31.19 -9.59 3.34
CA ASP A 125 -32.21 -10.39 2.62
C ASP A 125 -31.50 -11.36 1.67
N PRO A 126 -32.00 -12.60 1.52
CA PRO A 126 -31.35 -13.58 0.65
C PRO A 126 -31.14 -13.08 -0.79
N VAL A 127 -32.07 -12.27 -1.31
CA VAL A 127 -32.00 -11.85 -2.74
C VAL A 127 -30.67 -11.09 -2.98
N GLN A 128 -30.12 -10.43 -1.96
CA GLN A 128 -28.83 -9.68 -2.05
C GLN A 128 -27.67 -10.69 -2.21
N VAL A 129 -27.73 -11.83 -1.52
CA VAL A 129 -26.77 -12.94 -1.70
C VAL A 129 -26.86 -13.44 -3.15
N HIS A 130 -28.09 -13.71 -3.61
CA HIS A 130 -28.37 -14.29 -4.95
C HIS A 130 -27.87 -13.33 -6.02
N ALA A 131 -28.17 -12.04 -5.87
CA ALA A 131 -27.76 -11.00 -6.84
C ALA A 131 -26.23 -10.94 -6.89
N ALA A 132 -25.58 -11.10 -5.74
CA ALA A 132 -24.10 -10.95 -5.61
C ALA A 132 -23.42 -12.05 -6.42
N ARG A 133 -23.87 -13.30 -6.29
CA ARG A 133 -23.33 -14.45 -7.05
C ARG A 133 -23.63 -14.24 -8.55
N TYR A 134 -24.82 -13.76 -8.93
CA TYR A 134 -25.19 -13.65 -10.37
C TYR A 134 -24.31 -12.60 -11.04
N PHE A 135 -23.84 -11.60 -10.28
CA PHE A 135 -23.06 -10.46 -10.81
C PHE A 135 -21.56 -10.60 -10.48
N GLY A 136 -21.14 -11.78 -9.98
CA GLY A 136 -19.75 -12.25 -9.99
C GLY A 136 -19.07 -12.24 -8.63
N ALA A 137 -19.75 -11.90 -7.52
CA ALA A 137 -19.14 -11.91 -6.18
C ALA A 137 -18.56 -13.29 -5.86
N ASP A 138 -17.48 -13.32 -5.09
CA ASP A 138 -16.87 -14.53 -4.53
C ASP A 138 -17.06 -14.55 -3.03
N ALA A 139 -17.43 -13.41 -2.43
CA ALA A 139 -17.57 -13.28 -0.97
C ALA A 139 -18.58 -12.16 -0.66
N ILE A 140 -19.17 -12.18 0.54
CA ILE A 140 -20.13 -11.13 0.99
C ILE A 140 -19.75 -10.67 2.40
N LEU A 141 -20.10 -9.43 2.73
CA LEU A 141 -20.10 -8.88 4.12
C LEU A 141 -21.44 -9.21 4.80
N LEU A 142 -21.37 -9.79 6.01
CA LEU A 142 -22.46 -9.92 7.00
C LEU A 142 -22.00 -9.26 8.30
N MET A 143 -22.81 -8.31 8.77
CA MET A 143 -22.54 -7.43 9.93
C MET A 143 -23.33 -7.95 11.14
N LEU A 144 -22.62 -8.35 12.19
CA LEU A 144 -23.27 -8.93 13.39
C LEU A 144 -24.02 -7.85 14.17
N SER A 145 -23.64 -6.58 13.99
CA SER A 145 -24.30 -5.41 14.63
C SER A 145 -25.75 -5.29 14.10
N VAL A 146 -25.99 -5.79 12.90
CA VAL A 146 -27.28 -5.63 12.17
C VAL A 146 -28.11 -6.90 12.34
N LEU A 147 -27.47 -8.07 12.36
CA LEU A 147 -28.12 -9.41 12.25
C LEU A 147 -28.01 -10.18 13.58
N ASP A 148 -29.13 -10.60 14.16
CA ASP A 148 -29.15 -11.54 15.32
C ASP A 148 -28.63 -12.88 14.80
N ASP A 149 -28.47 -13.86 15.70
CA ASP A 149 -27.85 -15.16 15.38
C ASP A 149 -28.67 -15.90 14.31
N GLU A 150 -30.00 -15.75 14.28
CA GLU A 150 -30.86 -16.52 13.34
C GLU A 150 -30.77 -15.91 11.94
N GLU A 151 -30.86 -14.58 11.85
CA GLU A 151 -30.79 -13.84 10.56
C GLU A 151 -29.44 -14.12 9.90
N TYR A 152 -28.36 -14.18 10.70
CA TYR A 152 -26.98 -14.46 10.20
C TYR A 152 -26.91 -15.90 9.68
N ALA A 153 -27.33 -16.89 10.49
CA ALA A 153 -27.29 -18.34 10.16
C ALA A 153 -27.97 -18.62 8.82
N ALA A 154 -29.13 -18.01 8.59
CA ALA A 154 -29.95 -18.16 7.37
C ALA A 154 -29.19 -17.59 6.15
N LEU A 155 -28.53 -16.43 6.31
CA LEU A 155 -27.86 -15.74 5.20
C LEU A 155 -26.50 -16.43 4.95
N ALA A 156 -25.79 -16.79 6.01
CA ALA A 156 -24.56 -17.63 5.92
C ALA A 156 -24.86 -18.94 5.18
N ALA A 157 -26.09 -19.46 5.27
CA ALA A 157 -26.51 -20.76 4.68
C ALA A 157 -26.77 -20.55 3.20
N GLU A 158 -27.37 -19.41 2.84
CA GLU A 158 -27.57 -19.01 1.42
C GLU A 158 -26.20 -18.83 0.77
N ALA A 159 -25.30 -18.11 1.45
CA ALA A 159 -23.89 -17.95 1.05
C ALA A 159 -23.26 -19.32 0.78
N ALA A 160 -23.35 -20.28 1.72
CA ALA A 160 -22.71 -21.62 1.60
C ALA A 160 -23.25 -22.37 0.36
N ARG A 161 -24.52 -22.18 -0.01
CA ARG A 161 -25.08 -22.85 -1.21
C ARG A 161 -24.15 -22.62 -2.41
N PHE A 162 -23.53 -21.43 -2.50
CA PHE A 162 -22.82 -20.96 -3.72
C PHE A 162 -21.33 -20.75 -3.47
N ASP A 163 -20.79 -21.24 -2.33
CA ASP A 163 -19.37 -21.19 -1.93
C ASP A 163 -18.87 -19.72 -1.90
N LEU A 164 -19.75 -18.79 -1.52
CA LEU A 164 -19.40 -17.39 -1.16
C LEU A 164 -18.74 -17.38 0.22
N ASP A 165 -17.49 -16.93 0.31
CA ASP A 165 -16.81 -16.60 1.59
C ASP A 165 -17.64 -15.54 2.31
N ILE A 166 -17.54 -15.47 3.63
CA ILE A 166 -18.21 -14.40 4.41
C ILE A 166 -17.13 -13.60 5.12
N LEU A 167 -17.19 -12.28 4.99
CA LEU A 167 -16.47 -11.35 5.89
C LEU A 167 -17.47 -10.99 6.99
N THR A 168 -17.17 -11.41 8.21
CA THR A 168 -18.04 -11.30 9.41
C THR A 168 -17.52 -10.10 10.18
N GLU A 169 -18.24 -8.97 10.13
CA GLU A 169 -17.84 -7.76 10.88
C GLU A 169 -18.16 -7.99 12.37
N VAL A 170 -17.25 -7.62 13.26
CA VAL A 170 -17.37 -7.73 14.75
C VAL A 170 -16.80 -6.43 15.33
N ILE A 171 -17.55 -5.71 16.20
CA ILE A 171 -17.10 -4.44 16.85
C ILE A 171 -16.38 -4.73 18.17
N ASP A 172 -16.62 -5.88 18.83
CA ASP A 172 -16.14 -6.09 20.23
C ASP A 172 -16.12 -7.58 20.59
N GLU A 173 -15.74 -7.88 21.85
CA GLU A 173 -15.49 -9.24 22.40
C GLU A 173 -16.78 -10.08 22.35
N GLU A 174 -17.93 -9.45 22.50
CA GLU A 174 -19.24 -10.13 22.48
C GLU A 174 -19.54 -10.56 21.05
N GLU A 175 -19.32 -9.67 20.07
CA GLU A 175 -19.52 -10.01 18.64
C GLU A 175 -18.52 -11.09 18.24
N VAL A 176 -17.28 -11.03 18.73
CA VAL A 176 -16.27 -12.12 18.50
C VAL A 176 -16.89 -13.46 18.95
N ALA A 177 -17.37 -13.54 20.20
CA ALA A 177 -17.97 -14.78 20.77
C ALA A 177 -19.09 -15.28 19.87
N ARG A 178 -20.00 -14.38 19.45
CA ARG A 178 -21.11 -14.68 18.52
C ARG A 178 -20.56 -15.29 17.21
N ALA A 179 -19.50 -14.68 16.66
CA ALA A 179 -18.90 -15.09 15.37
C ALA A 179 -18.32 -16.50 15.51
N ILE A 180 -17.61 -16.78 16.61
CA ILE A 180 -17.04 -18.15 16.89
C ILE A 180 -18.21 -19.13 16.97
N LYS A 181 -19.21 -18.80 17.80
CA LYS A 181 -20.52 -19.49 17.90
C LYS A 181 -21.01 -19.89 16.50
N LEU A 182 -21.13 -18.92 15.60
CA LEU A 182 -21.67 -19.12 14.22
C LEU A 182 -20.61 -19.68 13.26
N GLY A 183 -19.36 -19.90 13.72
CA GLY A 183 -18.26 -20.52 12.94
C GLY A 183 -17.72 -19.66 11.79
N ALA A 184 -17.67 -18.34 11.96
CA ALA A 184 -17.07 -17.37 11.01
C ALA A 184 -15.58 -17.73 10.75
N LYS A 185 -15.11 -17.63 9.51
CA LYS A 185 -13.69 -17.94 9.17
C LYS A 185 -12.88 -16.65 8.92
N ILE A 186 -13.56 -15.53 8.66
CA ILE A 186 -12.93 -14.23 8.29
C ILE A 186 -13.60 -13.15 9.12
N PHE A 187 -12.88 -12.58 10.06
CA PHE A 187 -13.33 -11.56 11.03
C PHE A 187 -12.99 -10.17 10.51
N GLY A 188 -13.99 -9.30 10.34
CA GLY A 188 -13.79 -7.89 9.99
C GLY A 188 -13.81 -7.02 11.22
N VAL A 189 -12.72 -6.27 11.45
CA VAL A 189 -12.62 -5.27 12.56
C VAL A 189 -12.42 -3.87 11.95
N ASN A 190 -13.33 -2.94 12.27
CA ASN A 190 -13.18 -1.51 11.92
C ASN A 190 -12.57 -0.76 13.13
N HIS A 191 -11.48 -0.04 12.92
CA HIS A 191 -10.82 0.79 13.96
C HIS A 191 -11.69 2.02 14.24
N ARG A 192 -12.59 2.35 13.31
CA ARG A 192 -13.53 3.48 13.46
C ARG A 192 -14.77 2.98 14.20
N ASN A 193 -15.08 3.61 15.33
CA ASN A 193 -16.40 3.49 15.99
C ASN A 193 -17.39 4.38 15.25
N LEU A 194 -18.41 3.79 14.64
CA LEU A 194 -19.37 4.53 13.78
C LEU A 194 -20.24 5.47 14.62
N HIS A 195 -20.38 5.24 15.93
CA HIS A 195 -21.24 6.06 16.82
C HIS A 195 -20.64 7.46 16.97
N ASP A 196 -19.33 7.56 17.17
CA ASP A 196 -18.66 8.81 17.60
C ASP A 196 -17.49 9.16 16.66
N LEU A 197 -17.24 8.34 15.62
CA LEU A 197 -16.14 8.48 14.61
C LEU A 197 -14.74 8.45 15.25
N SER A 198 -14.58 7.87 16.44
CA SER A 198 -13.24 7.70 17.07
C SER A 198 -12.50 6.57 16.34
N ILE A 199 -11.18 6.74 16.14
CA ILE A 199 -10.28 5.67 15.63
C ILE A 199 -9.56 5.07 16.84
N ASP A 200 -9.51 3.76 16.93
CA ASP A 200 -8.72 3.09 17.98
C ASP A 200 -8.00 1.94 17.28
N LEU A 201 -6.78 2.20 16.83
CA LEU A 201 -5.93 1.25 16.06
C LEU A 201 -5.71 -0.05 16.87
N ASP A 202 -5.74 0.06 18.22
CA ASP A 202 -5.53 -1.05 19.17
C ASP A 202 -6.66 -2.07 19.05
N ARG A 203 -7.86 -1.65 18.62
CA ARG A 203 -9.05 -2.53 18.60
C ARG A 203 -8.71 -3.82 17.82
N SER A 204 -7.86 -3.77 16.79
CA SER A 204 -7.52 -5.00 16.02
C SER A 204 -6.60 -5.90 16.85
N ARG A 205 -5.55 -5.37 17.47
CA ARG A 205 -4.64 -6.17 18.32
C ARG A 205 -5.48 -6.87 19.40
N ARG A 206 -6.25 -6.07 20.15
CA ARG A 206 -7.03 -6.51 21.34
C ARG A 206 -7.95 -7.67 20.95
N LEU A 207 -8.66 -7.57 19.82
CA LEU A 207 -9.66 -8.59 19.42
C LEU A 207 -8.94 -9.81 18.83
N SER A 208 -7.76 -9.64 18.21
CA SER A 208 -7.02 -10.74 17.53
C SER A 208 -6.62 -11.82 18.54
N LYS A 209 -6.46 -11.46 19.81
CA LYS A 209 -6.13 -12.41 20.90
C LYS A 209 -7.29 -13.39 21.11
N LEU A 210 -8.53 -12.98 20.85
CA LEU A 210 -9.76 -13.74 21.19
C LEU A 210 -10.23 -14.58 19.99
N ILE A 211 -9.58 -14.47 18.82
CA ILE A 211 -10.05 -15.04 17.53
C ILE A 211 -9.34 -16.37 17.31
N PRO A 212 -10.03 -17.43 16.83
CA PRO A 212 -9.38 -18.72 16.65
C PRO A 212 -8.15 -18.62 15.74
N ALA A 213 -7.18 -19.51 15.98
CA ALA A 213 -5.85 -19.52 15.32
C ALA A 213 -6.01 -19.96 13.86
N ASP A 214 -7.09 -20.69 13.53
CA ASP A 214 -7.43 -21.20 12.17
C ASP A 214 -8.31 -20.19 11.41
N ALA A 215 -8.51 -18.99 11.95
CA ALA A 215 -9.34 -17.91 11.35
C ALA A 215 -8.45 -16.74 10.92
N VAL A 216 -8.97 -15.94 10.01
CA VAL A 216 -8.23 -14.80 9.42
C VAL A 216 -8.89 -13.53 9.97
N LEU A 217 -8.08 -12.51 10.29
CA LEU A 217 -8.53 -11.17 10.72
C LEU A 217 -8.20 -10.13 9.64
N VAL A 218 -9.22 -9.42 9.15
CA VAL A 218 -9.10 -8.24 8.24
C VAL A 218 -9.44 -6.99 9.04
N SER A 219 -8.57 -5.98 9.08
CA SER A 219 -8.88 -4.69 9.75
C SER A 219 -8.96 -3.53 8.74
N GLU A 220 -9.71 -2.48 9.10
CA GLU A 220 -10.10 -1.34 8.25
C GLU A 220 -9.98 -0.07 9.07
N SER A 221 -9.54 1.01 8.43
CA SER A 221 -9.63 2.42 8.88
C SER A 221 -8.36 2.83 9.63
N GLY A 222 -7.93 4.08 9.40
CA GLY A 222 -6.74 4.69 10.00
C GLY A 222 -5.43 4.04 9.58
N VAL A 223 -5.41 3.24 8.51
CA VAL A 223 -4.12 2.63 8.06
C VAL A 223 -3.46 3.62 7.11
N ARG A 224 -2.79 4.64 7.67
CA ARG A 224 -2.39 5.87 6.95
C ARG A 224 -1.33 5.54 5.90
N ASP A 225 -0.39 4.66 6.24
CA ASP A 225 0.89 4.49 5.51
C ASP A 225 1.51 3.13 5.84
N THR A 226 2.62 2.83 5.18
CA THR A 226 3.38 1.56 5.35
C THR A 226 3.81 1.42 6.81
N GLU A 227 4.16 2.53 7.47
CA GLU A 227 4.60 2.54 8.88
C GLU A 227 3.49 1.91 9.73
N THR A 228 2.23 2.32 9.51
CA THR A 228 1.06 1.81 10.27
C THR A 228 0.84 0.34 9.89
N VAL A 229 0.98 -0.01 8.62
CA VAL A 229 0.84 -1.42 8.14
C VAL A 229 1.85 -2.31 8.89
N ARG A 230 3.07 -1.81 9.07
CA ARG A 230 4.15 -2.57 9.74
C ARG A 230 3.86 -2.63 11.25
N GLN A 231 3.31 -1.58 11.85
CA GLN A 231 2.93 -1.56 13.30
C GLN A 231 1.82 -2.59 13.57
N LEU A 232 0.88 -2.74 12.64
CA LEU A 232 -0.39 -3.50 12.83
C LEU A 232 -0.30 -4.90 12.22
N GLY A 233 0.73 -5.17 11.41
CA GLY A 233 0.79 -6.36 10.53
C GLY A 233 1.06 -7.66 11.27
N GLY A 234 1.44 -7.58 12.55
CA GLY A 234 1.71 -8.75 13.39
C GLY A 234 0.43 -9.45 13.81
N HIS A 235 -0.69 -8.73 13.87
CA HIS A 235 -1.96 -9.27 14.43
C HIS A 235 -3.12 -9.14 13.43
N SER A 236 -2.98 -8.40 12.34
CA SER A 236 -3.97 -8.39 11.23
C SER A 236 -3.42 -9.19 10.04
N ASN A 237 -4.16 -10.16 9.52
CA ASN A 237 -3.73 -10.90 8.30
C ASN A 237 -3.77 -9.98 7.08
N ALA A 238 -4.79 -9.10 7.00
CA ALA A 238 -5.01 -8.20 5.84
C ALA A 238 -5.58 -6.87 6.29
N PHE A 239 -5.33 -5.81 5.52
CA PHE A 239 -5.95 -4.48 5.69
C PHE A 239 -6.87 -4.26 4.50
N LEU A 240 -8.05 -3.71 4.76
CA LEU A 240 -9.00 -3.26 3.72
C LEU A 240 -8.80 -1.75 3.56
N VAL A 241 -8.43 -1.33 2.34
CA VAL A 241 -8.13 0.08 1.97
C VAL A 241 -8.69 0.32 0.57
N GLY A 242 -8.94 1.58 0.21
CA GLY A 242 -9.45 1.96 -1.12
C GLY A 242 -9.33 3.46 -1.33
N SER A 243 -10.15 4.25 -0.64
CA SER A 243 -10.27 5.71 -0.90
C SER A 243 -8.86 6.33 -0.84
N GLN A 244 -7.94 5.81 -0.03
CA GLN A 244 -6.56 6.36 0.07
C GLN A 244 -5.72 6.06 -1.18
N LEU A 245 -6.10 5.08 -2.00
CA LEU A 245 -5.43 4.80 -3.29
C LEU A 245 -6.15 5.53 -4.45
N THR A 246 -7.48 5.53 -4.54
CA THR A 246 -8.22 6.10 -5.70
C THR A 246 -8.34 7.64 -5.60
N SER A 247 -7.93 8.25 -4.48
CA SER A 247 -8.03 9.73 -4.26
C SER A 247 -6.75 10.43 -4.74
N GLN A 248 -5.81 9.66 -5.28
CA GLN A 248 -4.47 10.12 -5.71
C GLN A 248 -4.39 10.17 -7.22
N GLU A 249 -3.39 10.89 -7.73
CA GLU A 249 -3.21 11.16 -9.19
C GLU A 249 -2.92 9.84 -9.90
N ASN A 250 -2.19 8.93 -9.27
CA ASN A 250 -1.76 7.67 -9.96
C ASN A 250 -2.02 6.50 -9.01
N VAL A 251 -2.99 5.65 -9.36
CA VAL A 251 -3.47 4.60 -8.41
C VAL A 251 -2.36 3.55 -8.28
N ASP A 252 -1.66 3.22 -9.36
CA ASP A 252 -0.58 2.20 -9.31
C ASP A 252 0.54 2.65 -8.37
N LEU A 253 0.98 3.90 -8.49
CA LEU A 253 2.09 4.46 -7.68
C LEU A 253 1.66 4.48 -6.20
N ALA A 254 0.41 4.85 -5.92
CA ALA A 254 -0.19 4.87 -4.57
C ALA A 254 -0.19 3.47 -3.96
N ALA A 255 -0.63 2.48 -4.72
CA ALA A 255 -0.62 1.07 -4.31
C ALA A 255 0.81 0.66 -3.92
N ARG A 256 1.79 0.92 -4.78
CA ARG A 256 3.20 0.59 -4.47
C ARG A 256 3.67 1.29 -3.21
N GLU A 257 3.37 2.58 -3.05
CA GLU A 257 3.84 3.36 -1.87
C GLU A 257 3.26 2.77 -0.57
N LEU A 258 1.98 2.38 -0.53
CA LEU A 258 1.33 1.78 0.68
C LEU A 258 1.94 0.40 1.00
N VAL A 259 1.99 -0.49 0.01
CA VAL A 259 2.41 -1.93 0.13
C VAL A 259 3.91 -2.02 0.51
N TYR A 260 4.78 -1.30 -0.21
CA TYR A 260 6.26 -1.44 -0.08
C TYR A 260 6.84 -0.25 0.69
N GLY A 261 6.21 0.91 0.61
CA GLY A 261 6.77 2.15 1.15
C GLY A 261 7.53 2.93 0.08
N PRO A 262 8.03 4.12 0.42
CA PRO A 262 8.75 4.96 -0.55
C PRO A 262 10.22 4.57 -0.70
N ASN A 263 10.45 3.46 -1.39
CA ASN A 263 11.79 2.86 -1.56
C ASN A 263 12.36 3.34 -2.90
N LYS A 264 13.69 3.53 -2.94
CA LYS A 264 14.43 3.89 -4.17
C LYS A 264 15.37 2.75 -4.50
N VAL A 265 15.45 2.37 -5.78
CA VAL A 265 16.58 1.58 -6.28
C VAL A 265 17.46 2.57 -7.03
N CYS A 266 18.62 2.90 -6.45
CA CYS A 266 19.55 3.92 -7.00
C CYS A 266 20.52 3.25 -7.99
N GLY A 267 21.31 4.06 -8.71
CA GLY A 267 22.37 3.56 -9.59
C GLY A 267 21.81 2.69 -10.69
N LEU A 268 20.69 3.12 -11.28
CA LEU A 268 20.14 2.45 -12.48
C LEU A 268 20.98 2.86 -13.69
N THR A 269 21.40 1.88 -14.50
CA THR A 269 22.24 2.09 -15.72
C THR A 269 21.63 1.38 -16.94
N SER A 270 20.56 0.60 -16.79
CA SER A 270 19.95 -0.19 -17.90
C SER A 270 18.42 -0.16 -17.82
N PRO A 271 17.70 -0.10 -18.96
CA PRO A 271 16.24 -0.24 -19.00
C PRO A 271 15.72 -1.45 -18.20
N SER A 272 16.29 -2.63 -18.42
CA SER A 272 15.83 -3.90 -17.82
C SER A 272 16.00 -3.85 -16.29
N ALA A 273 17.03 -3.17 -15.79
CA ALA A 273 17.21 -2.95 -14.33
C ALA A 273 16.06 -2.06 -13.82
N ALA A 274 15.70 -0.99 -14.53
CA ALA A 274 14.61 -0.05 -14.11
C ALA A 274 13.27 -0.80 -14.15
N GLN A 275 13.08 -1.64 -15.17
CA GLN A 275 11.86 -2.44 -15.39
C GLN A 275 11.65 -3.45 -14.23
N THR A 276 12.68 -4.21 -13.86
CA THR A 276 12.67 -5.16 -12.70
C THR A 276 12.41 -4.40 -11.38
N ALA A 277 13.13 -3.33 -11.13
CA ALA A 277 12.88 -2.47 -9.95
C ALA A 277 11.39 -2.13 -9.89
N ARG A 278 10.78 -1.59 -10.96
CA ARG A 278 9.38 -1.10 -10.91
C ARG A 278 8.49 -2.32 -10.67
N ALA A 279 8.73 -3.43 -11.37
CA ALA A 279 7.85 -4.61 -11.30
C ALA A 279 7.88 -5.14 -9.86
N ALA A 280 9.05 -5.12 -9.22
CA ALA A 280 9.28 -5.68 -7.87
C ALA A 280 8.54 -4.85 -6.82
N GLY A 281 8.36 -3.55 -7.06
CA GLY A 281 7.59 -2.64 -6.18
C GLY A 281 8.28 -1.32 -5.89
N ALA A 282 9.43 -1.05 -6.48
CA ALA A 282 10.13 0.22 -6.21
C ALA A 282 9.22 1.38 -6.65
N VAL A 283 9.15 2.45 -5.85
CA VAL A 283 8.49 3.72 -6.25
C VAL A 283 9.50 4.61 -6.99
N TYR A 284 10.75 4.67 -6.51
CA TYR A 284 11.75 5.65 -6.99
C TYR A 284 12.88 4.91 -7.71
N GLY A 285 13.39 5.55 -8.75
CA GLY A 285 14.55 5.10 -9.52
C GLY A 285 15.62 6.16 -9.48
N GLY A 286 16.87 5.76 -9.22
CA GLY A 286 17.99 6.68 -9.03
C GLY A 286 18.86 6.71 -10.27
N LEU A 287 19.18 7.92 -10.75
CA LEU A 287 20.06 8.11 -11.93
C LEU A 287 21.26 8.97 -11.49
N ILE A 288 22.47 8.46 -11.69
CA ILE A 288 23.72 9.11 -11.20
C ILE A 288 24.36 9.85 -12.39
N PHE A 289 24.60 11.15 -12.21
CA PHE A 289 25.15 12.07 -13.24
C PHE A 289 26.69 12.23 -13.10
N GLU A 290 27.26 12.00 -11.90
CA GLU A 290 28.73 12.06 -11.60
C GLU A 290 29.55 11.09 -12.46
N GLU A 291 30.55 11.60 -13.21
CA GLU A 291 31.27 10.86 -14.30
C GLU A 291 32.41 10.00 -13.75
N ALA A 292 32.80 10.19 -12.48
CA ALA A 292 33.76 9.34 -11.73
C ALA A 292 33.01 8.23 -10.97
N SER A 293 31.96 7.67 -11.56
CA SER A 293 31.10 6.59 -10.99
C SER A 293 31.09 5.40 -11.94
N PRO A 294 31.13 4.14 -11.43
CA PRO A 294 30.89 2.97 -12.27
C PRO A 294 29.42 2.87 -12.72
N ARG A 295 28.53 3.63 -12.06
CA ARG A 295 27.06 3.75 -12.33
C ARG A 295 26.75 5.06 -13.05
N ASN A 296 27.77 5.79 -13.51
CA ASN A 296 27.60 7.00 -14.35
C ASN A 296 26.76 6.60 -15.57
N VAL A 297 25.80 7.43 -15.95
CA VAL A 297 24.94 7.21 -17.14
C VAL A 297 25.03 8.48 -18.01
N SER A 298 25.21 8.32 -19.33
CA SER A 298 25.17 9.44 -20.31
C SER A 298 23.73 9.96 -20.41
N ARG A 299 23.52 11.21 -20.83
CA ARG A 299 22.17 11.80 -21.05
C ARG A 299 21.38 10.94 -22.04
N GLU A 300 22.09 10.26 -22.95
CA GLU A 300 21.51 9.34 -23.96
C GLU A 300 20.95 8.10 -23.23
N THR A 301 21.72 7.46 -22.36
CA THR A 301 21.27 6.27 -21.57
C THR A 301 20.17 6.68 -20.59
N LEU A 302 20.36 7.79 -19.85
CA LEU A 302 19.38 8.33 -18.87
C LEU A 302 17.99 8.31 -19.51
N GLN A 303 17.87 8.85 -20.72
CA GLN A 303 16.56 9.19 -21.34
C GLN A 303 15.96 7.92 -21.93
N LYS A 304 16.78 7.00 -22.43
CA LYS A 304 16.36 5.64 -22.83
C LYS A 304 15.77 4.91 -21.61
N ILE A 305 16.36 5.02 -20.42
CA ILE A 305 15.86 4.28 -19.23
C ILE A 305 14.50 4.82 -18.84
N ILE A 306 14.39 6.13 -18.68
CA ILE A 306 13.13 6.85 -18.41
C ILE A 306 12.07 6.45 -19.43
N ALA A 307 12.42 6.40 -20.71
CA ALA A 307 11.43 6.12 -21.76
C ALA A 307 11.00 4.66 -21.63
N ALA A 308 11.94 3.73 -21.41
CA ALA A 308 11.69 2.26 -21.30
C ALA A 308 10.91 1.91 -20.02
N GLU A 309 11.01 2.71 -18.97
CA GLU A 309 10.28 2.48 -17.70
C GLU A 309 9.75 3.81 -17.21
N PRO A 310 8.60 4.25 -17.77
CA PRO A 310 8.04 5.54 -17.40
C PRO A 310 7.43 5.57 -15.99
N ASN A 311 7.27 4.42 -15.33
CA ASN A 311 6.41 4.34 -14.12
C ASN A 311 7.24 4.25 -12.84
N LEU A 312 8.51 4.60 -12.89
CA LEU A 312 9.27 5.01 -11.67
C LEU A 312 9.23 6.54 -11.61
N ARG A 313 9.26 7.11 -10.41
CA ARG A 313 9.58 8.53 -10.21
C ARG A 313 11.11 8.65 -10.16
N TYR A 314 11.73 9.34 -11.12
CA TYR A 314 13.21 9.32 -11.27
C TYR A 314 13.81 10.42 -10.40
N VAL A 315 14.97 10.11 -9.83
CA VAL A 315 15.74 11.00 -8.93
C VAL A 315 17.14 11.15 -9.53
N ALA A 316 17.50 12.39 -9.87
CA ALA A 316 18.82 12.78 -10.44
C ALA A 316 19.77 12.98 -9.27
N VAL A 317 20.82 12.16 -9.19
CA VAL A 317 21.80 12.14 -8.07
C VAL A 317 23.10 12.79 -8.54
N SER A 318 23.53 13.87 -7.88
CA SER A 318 24.76 14.66 -8.19
C SER A 318 25.47 15.06 -6.89
N ARG A 319 26.82 15.10 -6.92
CA ARG A 319 27.68 15.54 -5.78
C ARG A 319 27.93 17.06 -5.82
N ARG A 320 27.32 17.80 -6.75
CA ARG A 320 27.55 19.25 -6.98
C ARG A 320 26.76 20.09 -5.97
N THR A 321 27.15 21.35 -5.78
CA THR A 321 26.53 22.28 -4.81
C THR A 321 25.61 23.27 -5.55
N SER A 322 25.67 23.29 -6.88
CA SER A 322 24.81 24.11 -7.77
C SER A 322 24.83 23.52 -9.18
N GLY A 323 23.98 24.03 -10.07
CA GLY A 323 23.89 23.58 -11.47
C GLY A 323 22.89 22.44 -11.63
N TYR A 324 21.88 22.39 -10.76
CA TYR A 324 20.86 21.30 -10.73
C TYR A 324 19.86 21.48 -11.88
N LYS A 325 19.73 22.67 -12.45
CA LYS A 325 18.87 22.94 -13.64
C LYS A 325 19.33 22.07 -14.82
N ASP A 326 20.65 21.89 -14.99
CA ASP A 326 21.25 21.09 -16.09
C ASP A 326 20.81 19.63 -16.02
N LEU A 327 20.44 19.14 -14.84
CA LEU A 327 20.10 17.71 -14.63
C LEU A 327 18.66 17.45 -15.11
N LEU A 328 17.78 18.45 -15.05
CA LEU A 328 16.33 18.29 -15.28
C LEU A 328 16.07 17.92 -16.74
N VAL A 329 15.26 16.89 -16.90
CA VAL A 329 14.92 16.13 -18.13
C VAL A 329 13.45 15.74 -17.89
N ASP A 330 12.65 15.49 -18.93
CA ASP A 330 11.28 14.94 -18.73
C ASP A 330 11.43 13.67 -17.87
N GLY A 331 10.69 13.59 -16.76
CA GLY A 331 10.52 12.38 -15.94
C GLY A 331 11.31 12.44 -14.64
N ILE A 332 12.20 13.42 -14.49
CA ILE A 332 12.94 13.70 -13.23
C ILE A 332 11.93 14.31 -12.26
N PHE A 333 11.65 13.59 -11.17
CA PHE A 333 10.64 13.92 -10.13
C PHE A 333 11.33 14.66 -8.99
N ALA A 334 12.62 14.41 -8.80
CA ALA A 334 13.38 14.92 -7.64
C ALA A 334 14.85 14.98 -8.01
N VAL A 335 15.58 15.91 -7.37
CA VAL A 335 17.07 15.90 -7.40
C VAL A 335 17.57 15.53 -6.00
N GLN A 336 18.59 14.70 -5.94
CA GLN A 336 19.22 14.23 -4.68
C GLN A 336 20.56 14.96 -4.53
N ILE A 337 20.64 15.89 -3.58
CA ILE A 337 21.90 16.64 -3.32
C ILE A 337 22.80 15.65 -2.57
N HIS A 338 23.82 15.11 -3.25
CA HIS A 338 24.80 14.13 -2.70
C HIS A 338 26.16 14.81 -2.46
N ALA A 339 26.19 16.15 -2.40
CA ALA A 339 27.41 16.95 -2.13
C ALA A 339 27.91 16.57 -0.75
N PRO A 340 29.23 16.73 -0.46
CA PRO A 340 29.74 16.43 0.88
C PRO A 340 29.05 17.38 1.85
N LEU A 341 28.93 16.98 3.10
CA LEU A 341 28.25 17.81 4.12
C LEU A 341 28.98 19.17 4.14
N GLN A 342 28.26 20.26 4.35
CA GLN A 342 28.85 21.61 4.41
C GLN A 342 29.36 21.85 5.84
N ASP A 343 29.80 23.07 6.14
CA ASP A 343 30.54 23.40 7.39
C ASP A 343 29.57 23.64 8.54
N SER A 344 28.37 24.16 8.27
CA SER A 344 27.35 24.50 9.27
C SER A 344 25.96 24.05 8.80
N VAL A 345 25.01 24.06 9.73
CA VAL A 345 23.56 23.91 9.46
C VAL A 345 23.10 25.01 8.49
N GLU A 346 23.57 26.25 8.71
CA GLU A 346 23.17 27.45 7.94
C GLU A 346 23.61 27.28 6.48
N ALA A 347 24.82 26.78 6.23
CA ALA A 347 25.33 26.52 4.87
C ALA A 347 24.50 25.41 4.23
N GLU A 348 24.08 24.42 5.02
CA GLU A 348 23.23 23.30 4.54
C GLU A 348 21.85 23.85 4.18
N LYS A 349 21.27 24.69 5.05
CA LYS A 349 19.95 25.33 4.78
C LYS A 349 20.05 26.19 3.52
N ALA A 350 21.21 26.83 3.29
CA ALA A 350 21.48 27.71 2.13
C ALA A 350 21.63 26.89 0.85
N LEU A 351 22.45 25.84 0.87
CA LEU A 351 22.62 24.91 -0.29
C LEU A 351 21.23 24.46 -0.79
N ILE A 352 20.40 24.05 0.15
CA ILE A 352 19.07 23.46 -0.14
C ILE A 352 18.19 24.55 -0.77
N ALA A 353 18.08 25.72 -0.15
CA ALA A 353 17.34 26.89 -0.69
C ALA A 353 17.86 27.28 -2.08
N ALA A 354 19.17 27.17 -2.31
CA ALA A 354 19.79 27.48 -3.63
C ALA A 354 19.33 26.46 -4.66
N VAL A 355 19.22 25.19 -4.27
CA VAL A 355 18.78 24.12 -5.23
C VAL A 355 17.26 24.22 -5.41
N ARG A 356 16.52 24.35 -4.32
CA ARG A 356 15.07 24.65 -4.34
C ARG A 356 14.83 25.72 -5.42
N GLU A 357 15.70 26.74 -5.41
CA GLU A 357 15.67 27.91 -6.32
C GLU A 357 15.93 27.51 -7.77
N GLU A 358 17.01 26.76 -8.02
CA GLU A 358 17.38 26.26 -9.36
C GLU A 358 16.24 25.44 -10.01
N VAL A 359 15.57 24.50 -9.31
CA VAL A 359 14.75 23.42 -9.98
C VAL A 359 13.27 23.79 -10.04
N GLY A 360 12.84 24.76 -9.25
CA GLY A 360 11.47 25.29 -9.30
C GLY A 360 10.54 24.36 -8.55
N PRO A 361 9.32 24.80 -8.21
CA PRO A 361 8.48 24.06 -7.27
C PRO A 361 7.88 22.75 -7.81
N GLN A 362 8.24 22.32 -9.03
CA GLN A 362 7.68 21.10 -9.69
C GLN A 362 8.69 19.96 -9.57
N VAL A 363 9.80 20.19 -8.86
CA VAL A 363 10.86 19.16 -8.72
C VAL A 363 11.21 19.08 -7.25
N GLN A 364 11.00 17.92 -6.63
CA GLN A 364 11.32 17.70 -5.20
C GLN A 364 12.83 17.81 -5.01
N VAL A 365 13.25 18.21 -3.80
CA VAL A 365 14.66 18.38 -3.40
C VAL A 365 14.93 17.50 -2.18
N TRP A 366 15.88 16.58 -2.34
CA TRP A 366 16.27 15.55 -1.35
C TRP A 366 17.69 15.84 -0.85
N ARG A 367 17.96 15.67 0.44
CA ARG A 367 19.35 15.75 0.97
C ARG A 367 19.81 14.37 1.46
N ALA A 368 20.95 13.92 0.90
CA ALA A 368 21.71 12.73 1.30
C ALA A 368 22.76 13.14 2.33
N ILE A 369 22.84 12.37 3.41
CA ILE A 369 23.68 12.64 4.62
C ILE A 369 24.26 11.31 5.12
N SER A 370 25.60 11.28 5.31
CA SER A 370 26.36 10.25 6.05
C SER A 370 26.28 10.51 7.54
N MET A 371 25.75 9.55 8.31
CA MET A 371 25.54 9.68 9.76
C MET A 371 26.86 9.51 10.53
N SER A 372 27.93 9.09 9.85
CA SER A 372 29.33 9.02 10.36
C SER A 372 29.93 10.43 10.44
N SER A 373 29.49 11.34 9.57
CA SER A 373 29.87 12.77 9.65
C SER A 373 29.36 13.31 10.98
N PRO A 374 30.24 13.87 11.86
CA PRO A 374 29.80 14.30 13.19
C PRO A 374 28.61 15.29 13.17
N LEU A 375 28.57 16.21 12.19
CA LEU A 375 27.47 17.19 11.94
C LEU A 375 26.23 16.51 11.33
N GLY A 376 26.34 15.25 10.91
CA GLY A 376 25.33 14.53 10.12
C GLY A 376 23.95 14.57 10.76
N ALA A 377 23.80 13.99 11.94
CA ALA A 377 22.52 13.89 12.66
C ALA A 377 21.95 15.29 12.89
N GLU A 378 22.80 16.23 13.29
CA GLU A 378 22.39 17.63 13.61
C GLU A 378 21.74 18.28 12.37
N VAL A 379 22.41 18.24 11.22
CA VAL A 379 21.88 18.68 9.89
C VAL A 379 20.54 17.98 9.61
N ALA A 380 20.49 16.65 9.76
CA ALA A 380 19.30 15.84 9.46
C ALA A 380 18.10 16.43 10.21
N ALA A 381 18.24 16.56 11.53
CA ALA A 381 17.19 17.07 12.43
C ALA A 381 16.83 18.52 12.08
N ALA A 382 17.79 19.31 11.60
CA ALA A 382 17.64 20.76 11.34
C ALA A 382 16.96 20.99 9.99
N VAL A 383 17.26 20.14 9.02
CA VAL A 383 16.99 20.40 7.57
C VAL A 383 15.76 19.59 7.12
N GLU A 384 15.21 18.79 8.05
CA GLU A 384 14.09 17.83 7.85
C GLU A 384 12.87 18.54 7.22
N GLY A 385 12.52 19.74 7.70
CA GLY A 385 11.39 20.52 7.16
C GLY A 385 11.72 21.19 5.84
N ASP A 386 12.99 21.30 5.46
CA ASP A 386 13.41 22.06 4.25
C ASP A 386 13.46 21.12 3.06
N VAL A 387 13.39 19.81 3.28
CA VAL A 387 13.57 18.81 2.19
C VAL A 387 12.30 17.95 2.07
N ASP A 388 12.10 17.32 0.91
CA ASP A 388 11.01 16.34 0.66
C ASP A 388 11.44 14.94 1.14
N LYS A 389 12.75 14.63 1.06
CA LYS A 389 13.34 13.36 1.57
C LYS A 389 14.76 13.59 2.07
N LEU A 390 15.11 12.90 3.16
CA LEU A 390 16.49 12.70 3.63
C LEU A 390 16.92 11.31 3.16
N ILE A 391 18.14 11.15 2.65
CA ILE A 391 18.78 9.82 2.46
C ILE A 391 19.88 9.68 3.51
N LEU A 392 19.57 8.98 4.59
CA LEU A 392 20.52 8.80 5.72
C LEU A 392 21.33 7.52 5.53
N ASP A 393 22.65 7.67 5.33
CA ASP A 393 23.59 6.54 5.17
C ASP A 393 24.06 6.11 6.57
N ALA A 394 23.69 4.90 6.99
CA ALA A 394 23.85 4.41 8.37
C ALA A 394 25.04 3.43 8.47
N HIS A 395 25.70 3.10 7.36
CA HIS A 395 26.98 2.33 7.38
C HIS A 395 28.11 3.31 7.66
N GLU A 396 28.71 3.29 8.85
CA GLU A 396 29.70 4.35 9.23
C GLU A 396 31.13 3.92 8.87
N GLY A 397 31.31 2.78 8.19
CA GLY A 397 32.65 2.27 7.84
C GLY A 397 33.43 1.71 9.04
N GLY A 398 34.75 1.93 9.08
CA GLY A 398 35.71 1.27 9.99
C GLY A 398 35.42 1.55 11.47
N SER A 399 34.94 2.74 11.82
CA SER A 399 34.60 3.14 13.21
C SER A 399 33.55 2.21 13.79
N GLY A 400 32.67 1.68 12.92
CA GLY A 400 31.40 1.05 13.30
C GLY A 400 30.35 2.12 13.59
N GLU A 401 29.14 1.69 13.97
CA GLU A 401 27.94 2.55 14.15
C GLU A 401 28.07 3.33 15.46
N VAL A 402 28.65 4.54 15.40
CA VAL A 402 28.91 5.43 16.58
C VAL A 402 27.61 6.16 16.93
N PHE A 403 26.75 6.38 15.95
CA PHE A 403 25.49 7.17 16.11
C PHE A 403 24.42 6.30 16.78
N ASP A 404 23.65 6.90 17.70
CA ASP A 404 22.47 6.28 18.39
C ASP A 404 21.14 6.58 17.65
N TRP A 405 20.61 5.56 16.98
CA TRP A 405 19.39 5.63 16.15
C TRP A 405 18.11 5.78 17.00
N ALA A 406 18.18 5.46 18.31
CA ALA A 406 17.06 5.67 19.26
C ALA A 406 16.81 7.17 19.53
N THR A 407 17.78 8.06 19.23
CA THR A 407 17.67 9.52 19.50
C THR A 407 16.95 10.26 18.35
N VAL A 408 16.66 9.59 17.24
CA VAL A 408 16.20 10.26 16.00
C VAL A 408 14.70 10.53 16.12
N PRO A 409 14.21 11.77 15.90
CA PRO A 409 12.78 12.04 15.97
C PRO A 409 11.98 11.24 14.93
N ALA A 410 10.71 10.94 15.25
CA ALA A 410 9.75 10.27 14.36
C ALA A 410 9.63 11.08 13.04
N ALA A 411 9.63 12.41 13.13
CA ALA A 411 9.45 13.31 11.96
C ALA A 411 10.59 13.09 10.98
N VAL A 412 11.82 12.97 11.47
CA VAL A 412 13.03 12.73 10.63
C VAL A 412 12.89 11.35 9.96
N LYS A 413 12.56 10.33 10.74
CA LYS A 413 12.43 8.94 10.22
C LYS A 413 11.38 8.93 9.11
N ALA A 414 10.25 9.62 9.32
CA ALA A 414 9.09 9.67 8.39
C ALA A 414 9.50 10.30 7.06
N LYS A 415 10.57 11.09 7.07
CA LYS A 415 11.12 11.82 5.90
C LYS A 415 12.30 11.06 5.28
N SER A 416 12.74 9.93 5.86
CA SER A 416 14.07 9.33 5.57
C SER A 416 13.93 8.00 4.83
N LEU A 417 14.78 7.79 3.81
CA LEU A 417 15.15 6.44 3.32
C LEU A 417 16.47 6.07 3.98
N LEU A 418 16.55 4.89 4.58
CA LEU A 418 17.82 4.35 5.13
C LEU A 418 18.69 3.79 4.01
N ALA A 419 19.96 4.22 3.97
CA ALA A 419 20.99 3.73 3.05
C ALA A 419 22.16 3.06 3.79
N GLY A 420 23.03 2.41 3.01
CA GLY A 420 24.37 1.92 3.39
C GLY A 420 24.48 0.43 3.15
N GLY A 421 24.65 0.02 1.90
CA GLY A 421 24.77 -1.41 1.52
C GLY A 421 23.51 -2.21 1.79
N ILE A 422 22.32 -1.59 1.70
CA ILE A 422 21.03 -2.29 1.98
C ILE A 422 20.95 -3.46 0.99
N SER A 423 20.64 -4.65 1.46
CA SER A 423 20.78 -5.90 0.66
C SER A 423 19.65 -6.83 1.07
N PRO A 424 19.42 -7.92 0.31
CA PRO A 424 18.44 -8.90 0.73
C PRO A 424 18.66 -9.36 2.19
N ASP A 425 19.91 -9.62 2.57
CA ASP A 425 20.27 -10.28 3.85
C ASP A 425 20.14 -9.29 5.02
N ASN A 426 20.46 -8.00 4.84
CA ASN A 426 20.30 -7.00 5.93
C ASN A 426 18.98 -6.22 5.85
N ALA A 427 18.05 -6.56 4.96
CA ALA A 427 16.76 -5.85 4.76
C ALA A 427 15.91 -5.83 6.04
N ALA A 428 15.64 -6.98 6.68
CA ALA A 428 14.83 -7.04 7.93
C ALA A 428 15.40 -6.05 8.96
N GLN A 429 16.71 -6.05 9.16
CA GLN A 429 17.31 -5.27 10.28
C GLN A 429 17.32 -3.78 9.89
N ALA A 430 17.39 -3.45 8.59
CA ALA A 430 17.28 -2.06 8.11
C ALA A 430 15.84 -1.57 8.32
N LEU A 431 14.86 -2.39 7.95
CA LEU A 431 13.41 -2.07 8.11
C LEU A 431 13.09 -1.85 9.59
N ALA A 432 13.70 -2.59 10.50
CA ALA A 432 13.46 -2.52 11.96
C ALA A 432 13.77 -1.11 12.52
N VAL A 433 14.72 -0.40 11.92
CA VAL A 433 15.07 1.01 12.28
C VAL A 433 13.84 1.92 12.26
N GLY A 434 12.87 1.71 11.36
CA GLY A 434 11.59 2.44 11.37
C GLY A 434 11.59 3.72 10.52
N CYS A 435 12.51 3.84 9.57
CA CYS A 435 12.51 4.90 8.53
C CYS A 435 11.38 4.58 7.55
N ALA A 436 10.86 5.59 6.86
CA ALA A 436 9.74 5.44 5.89
C ALA A 436 10.19 4.50 4.77
N GLY A 437 11.44 4.60 4.33
CA GLY A 437 11.92 3.95 3.11
C GLY A 437 13.29 3.32 3.23
N LEU A 438 13.67 2.57 2.21
CA LEU A 438 15.06 2.12 1.97
C LEU A 438 15.60 2.69 0.67
N ASP A 439 16.89 3.06 0.67
CA ASP A 439 17.70 3.41 -0.52
C ASP A 439 18.60 2.20 -0.85
N ILE A 440 18.38 1.57 -1.99
CA ILE A 440 18.86 0.21 -2.35
C ILE A 440 19.71 0.35 -3.60
N ASN A 441 20.97 -0.08 -3.56
CA ASN A 441 21.94 0.20 -4.66
C ASN A 441 22.94 -0.95 -4.75
N SER A 442 24.14 -0.77 -4.19
CA SER A 442 25.26 -1.75 -4.30
C SER A 442 24.83 -3.11 -3.73
N GLY A 443 23.97 -3.14 -2.71
CA GLY A 443 23.50 -4.39 -2.05
C GLY A 443 22.61 -5.30 -2.92
N VAL A 444 22.12 -4.85 -4.08
CA VAL A 444 21.39 -5.72 -5.04
C VAL A 444 22.16 -5.81 -6.37
N GLU A 445 23.45 -5.46 -6.40
CA GLU A 445 24.34 -5.68 -7.57
C GLU A 445 24.93 -7.10 -7.54
N TYR A 446 25.28 -7.65 -8.70
CA TYR A 446 26.08 -8.91 -8.79
C TYR A 446 27.47 -8.61 -8.22
N PRO A 447 28.08 -9.56 -7.46
CA PRO A 447 29.41 -9.34 -6.90
C PRO A 447 30.52 -9.50 -7.96
N ALA A 448 31.78 -9.39 -7.54
CA ALA A 448 32.98 -9.37 -8.41
C ALA A 448 33.11 -10.68 -9.22
N GLY A 449 32.66 -11.82 -8.69
CA GLY A 449 32.79 -13.13 -9.37
C GLY A 449 31.85 -13.34 -10.56
N ALA A 450 31.08 -12.32 -10.96
CA ALA A 450 29.91 -12.47 -11.86
C ALA A 450 30.29 -12.22 -13.33
N GLY A 451 31.59 -12.13 -13.63
CA GLY A 451 32.09 -11.90 -14.99
C GLY A 451 31.65 -10.56 -15.53
N THR A 452 31.10 -10.51 -16.74
CA THR A 452 30.61 -9.26 -17.37
C THR A 452 29.39 -8.70 -16.62
N TRP A 453 28.73 -9.47 -15.74
CA TRP A 453 27.52 -9.02 -14.99
C TRP A 453 27.89 -8.34 -13.68
N ALA A 454 29.17 -8.37 -13.31
CA ALA A 454 29.64 -7.81 -12.03
C ALA A 454 29.25 -6.33 -12.00
N GLY A 455 28.67 -5.84 -10.89
CA GLY A 455 28.30 -4.43 -10.70
C GLY A 455 26.92 -4.03 -11.25
N ALA A 456 26.32 -4.86 -12.11
CA ALA A 456 24.96 -4.66 -12.65
C ALA A 456 23.93 -5.06 -11.58
N LYS A 457 22.74 -4.47 -11.64
CA LYS A 457 21.61 -4.82 -10.76
C LYS A 457 21.25 -6.29 -11.04
N ASP A 458 21.14 -7.09 -9.98
CA ASP A 458 20.78 -8.53 -9.98
C ASP A 458 19.28 -8.66 -9.74
N ALA A 459 18.52 -9.12 -10.73
CA ALA A 459 17.05 -9.14 -10.73
C ALA A 459 16.54 -10.10 -9.65
N GLY A 460 17.30 -11.18 -9.42
CA GLY A 460 16.95 -12.17 -8.39
C GLY A 460 17.06 -11.54 -7.02
N ALA A 461 18.00 -10.65 -6.84
CA ALA A 461 18.20 -9.96 -5.55
C ALA A 461 17.07 -8.95 -5.38
N LEU A 462 16.65 -8.33 -6.47
CA LEU A 462 15.54 -7.36 -6.45
C LEU A 462 14.23 -8.08 -6.09
N LEU A 463 13.97 -9.25 -6.66
CA LEU A 463 12.79 -10.07 -6.31
C LEU A 463 12.82 -10.37 -4.81
N LYS A 464 13.98 -10.73 -4.26
CA LYS A 464 14.03 -11.24 -2.86
C LYS A 464 13.80 -10.06 -1.92
N ILE A 465 14.46 -8.93 -2.17
CA ILE A 465 14.43 -7.83 -1.18
C ILE A 465 13.02 -7.22 -1.15
N PHE A 466 12.36 -7.10 -2.30
CA PHE A 466 10.97 -6.56 -2.35
C PHE A 466 9.97 -7.56 -1.72
N ALA A 467 10.14 -8.87 -1.84
CA ALA A 467 9.29 -9.87 -1.15
C ALA A 467 9.39 -9.68 0.38
N THR A 468 10.61 -9.48 0.87
CA THR A 468 10.87 -9.30 2.31
C THR A 468 10.18 -8.00 2.73
N ILE A 469 10.26 -6.96 1.91
CA ILE A 469 9.68 -5.62 2.24
C ILE A 469 8.15 -5.79 2.32
N SER A 470 7.58 -6.59 1.44
CA SER A 470 6.10 -6.70 1.35
C SER A 470 5.51 -7.35 2.60
N THR A 471 6.23 -8.20 3.32
CA THR A 471 5.68 -8.98 4.46
C THR A 471 6.24 -8.47 5.81
N PHE A 472 7.20 -7.56 5.80
CA PHE A 472 7.81 -7.08 7.06
C PHE A 472 6.74 -6.48 7.98
N HIS A 473 6.86 -6.78 9.26
CA HIS A 473 6.14 -6.13 10.39
C HIS A 473 7.04 -6.11 11.64
N TYR A 474 6.91 -5.10 12.48
CA TYR A 474 7.72 -4.94 13.74
C TYR A 474 7.46 -6.17 14.62
N LEU A 475 8.52 -6.78 15.18
CA LEU A 475 8.44 -8.05 15.98
C LEU A 475 8.84 -7.75 17.43
C1 GOL B . -17.56 -18.09 -10.96
O1 GOL B . -18.89 -17.63 -11.19
C2 GOL B . -16.55 -16.97 -11.03
O2 GOL B . -17.08 -15.74 -10.53
C3 GOL B . -15.27 -17.29 -10.29
O3 GOL B . -15.52 -17.56 -8.90
C1 GOL C . 27.85 13.61 3.71
O1 GOL C . 27.32 13.76 5.03
C2 GOL C . 26.77 13.66 2.64
O2 GOL C . 26.33 15.00 2.46
C3 GOL C . 27.21 13.06 1.31
O3 GOL C . 26.85 11.69 1.21
#